data_6QB7
#
_entry.id   6QB7
#
_cell.length_a   74.427
_cell.length_b   105.620
_cell.length_c   107.554
_cell.angle_alpha   90.00
_cell.angle_beta   90.00
_cell.angle_gamma   90.00
#
_symmetry.space_group_name_H-M   'P 21 21 21'
#
loop_
_entity.id
_entity.type
_entity.pdbx_description
1 polymer 'BTB/POZ domain-containing protein KCTD16'
2 non-polymer 'PHOSPHATE ION'
3 water water
#
_entity_poly.entity_id   1
_entity_poly.type   'polypeptide(L)'
_entity_poly.pdbx_seq_one_letter_code
;SMEIKQSPDEFCHSDFEDASQGSDTRICPPSSLLPADRKWGFITVGYRGSCTLGREGQADAKFRRVPRILVCGRISLAKE
VFGETLNESRDPDRAPERYTSRFYLKFKHLERAFDMLSECGFHMVACNSSVTASFINQYTDDKIWSSYTEYVFYREPSRW
SPS
;
_entity_poly.pdbx_strand_id   A,B,C,D,E
#
# COMPACT_ATOMS: atom_id res chain seq x y z
N ASP A 37 -4.89 -14.85 -29.69
CA ASP A 37 -4.94 -14.19 -28.38
C ASP A 37 -4.08 -14.92 -27.35
N ARG A 38 -3.40 -14.15 -26.51
CA ARG A 38 -2.59 -14.69 -25.43
C ARG A 38 -3.43 -14.91 -24.18
N LYS A 39 -2.96 -15.83 -23.34
CA LYS A 39 -3.63 -16.16 -22.08
C LYS A 39 -3.06 -15.43 -20.88
N TRP A 40 -1.75 -15.12 -20.89
CA TRP A 40 -1.15 -14.35 -19.80
C TRP A 40 -1.57 -12.89 -19.90
N GLY A 41 -1.41 -12.18 -18.80
CA GLY A 41 -1.66 -10.74 -18.78
C GLY A 41 -2.12 -10.28 -17.42
N PHE A 42 -2.29 -8.96 -17.31
CA PHE A 42 -2.74 -8.32 -16.10
C PHE A 42 -4.21 -7.94 -16.20
N ILE A 43 -4.89 -7.96 -15.06
CA ILE A 43 -6.27 -7.50 -14.94
C ILE A 43 -6.40 -6.70 -13.64
N THR A 44 -7.06 -5.55 -13.72
CA THR A 44 -7.26 -4.66 -12.59
C THR A 44 -8.75 -4.49 -12.34
N VAL A 45 -9.17 -4.66 -11.08
CA VAL A 45 -10.55 -4.40 -10.66
C VAL A 45 -10.53 -3.30 -9.61
N GLY A 46 -11.50 -2.41 -9.66
CA GLY A 46 -11.51 -1.27 -8.77
C GLY A 46 -12.90 -0.70 -8.57
N TYR A 47 -12.98 0.28 -7.68
CA TYR A 47 -14.25 0.95 -7.40
C TYR A 47 -13.98 2.34 -6.84
N ARG A 48 -14.97 3.22 -6.99
CA ARG A 48 -14.88 4.59 -6.49
C ARG A 48 -15.32 4.64 -5.03
N GLY A 49 -14.71 5.57 -4.27
CA GLY A 49 -14.89 5.60 -2.83
C GLY A 49 -16.25 6.13 -2.42
N SER A 50 -16.98 5.33 -1.65
CA SER A 50 -18.27 5.70 -1.07
C SER A 50 -19.22 6.30 -2.11
N ASP A 60 -26.22 0.34 7.57
CA ASP A 60 -25.75 0.53 6.21
C ASP A 60 -24.99 1.86 6.06
N ALA A 61 -24.08 2.11 6.98
CA ALA A 61 -23.29 3.35 6.96
C ALA A 61 -21.83 3.07 7.26
N LYS A 62 -21.55 2.19 8.23
CA LYS A 62 -20.17 1.85 8.57
C LYS A 62 -19.56 0.89 7.55
N PHE A 63 -20.37 0.05 6.92
CA PHE A 63 -19.86 -1.00 6.05
C PHE A 63 -19.30 -0.41 4.75
N ARG A 64 -18.52 -1.23 4.05
CA ARG A 64 -17.96 -0.84 2.77
C ARG A 64 -19.06 -0.63 1.74
N ARG A 65 -18.95 0.45 0.98
CA ARG A 65 -19.95 0.84 -0.01
C ARG A 65 -19.29 0.84 -1.39
N VAL A 66 -19.58 -0.19 -2.18
CA VAL A 66 -19.05 -0.32 -3.53
C VAL A 66 -20.17 -0.06 -4.53
N PRO A 67 -20.21 1.11 -5.17
CA PRO A 67 -21.27 1.36 -6.14
C PRO A 67 -21.09 0.62 -7.45
N ARG A 68 -19.85 0.37 -7.88
CA ARG A 68 -19.62 -0.30 -9.15
C ARG A 68 -18.21 -0.86 -9.17
N ILE A 69 -18.05 -2.02 -9.82
CA ILE A 69 -16.77 -2.69 -9.95
C ILE A 69 -16.25 -2.46 -11.36
N LEU A 70 -15.15 -1.74 -11.49
CA LEU A 70 -14.56 -1.42 -12.77
C LEU A 70 -13.50 -2.46 -13.14
N VAL A 71 -13.35 -2.71 -14.44
CA VAL A 71 -12.45 -3.74 -14.95
C VAL A 71 -11.57 -3.11 -16.03
N CYS A 72 -10.25 -3.27 -15.89
CA CYS A 72 -9.29 -2.74 -16.85
C CYS A 72 -8.33 -3.84 -17.28
N GLY A 73 -7.93 -3.82 -18.54
CA GLY A 73 -6.97 -4.77 -19.06
C GLY A 73 -7.29 -5.11 -20.50
N ARG A 74 -6.59 -6.13 -21.00
CA ARG A 74 -6.84 -6.61 -22.35
C ARG A 74 -8.27 -7.14 -22.45
N ILE A 75 -8.94 -6.80 -23.56
CA ILE A 75 -10.36 -7.06 -23.67
C ILE A 75 -10.65 -8.55 -23.72
N SER A 76 -9.81 -9.33 -24.41
CA SER A 76 -10.04 -10.77 -24.50
C SER A 76 -9.91 -11.45 -23.14
N LEU A 77 -9.07 -10.93 -22.25
CA LEU A 77 -8.92 -11.53 -20.93
C LEU A 77 -10.15 -11.31 -20.08
N ALA A 78 -10.71 -10.09 -20.11
CA ALA A 78 -11.87 -9.78 -19.28
C ALA A 78 -13.08 -10.60 -19.68
N LYS A 79 -13.31 -10.77 -20.99
CA LYS A 79 -14.45 -11.56 -21.45
C LYS A 79 -14.29 -13.01 -21.05
N GLU A 80 -13.05 -13.53 -21.09
CA GLU A 80 -12.82 -14.91 -20.69
C GLU A 80 -13.07 -15.13 -19.21
N VAL A 81 -12.79 -14.13 -18.37
CA VAL A 81 -12.92 -14.30 -16.93
C VAL A 81 -14.35 -14.08 -16.47
N PHE A 82 -15.00 -13.02 -16.92
CA PHE A 82 -16.29 -12.63 -16.36
C PHE A 82 -17.48 -12.97 -17.24
N GLY A 83 -17.28 -13.11 -18.55
CA GLY A 83 -18.33 -13.58 -19.44
C GLY A 83 -19.61 -12.77 -19.41
N GLU A 84 -20.72 -13.43 -19.08
CA GLU A 84 -22.02 -12.76 -19.09
C GLU A 84 -22.17 -11.72 -18.00
N THR A 85 -21.33 -11.77 -16.96
CA THR A 85 -21.36 -10.77 -15.91
C THR A 85 -20.64 -9.49 -16.29
N LEU A 86 -20.00 -9.44 -17.46
CA LEU A 86 -19.24 -8.28 -17.89
C LEU A 86 -20.12 -7.35 -18.72
N ASN A 87 -20.13 -6.07 -18.36
CA ASN A 87 -20.88 -5.05 -19.07
C ASN A 87 -19.89 -4.20 -19.88
N GLU A 88 -20.12 -4.13 -21.19
CA GLU A 88 -19.24 -3.40 -22.10
C GLU A 88 -19.91 -2.18 -22.71
N SER A 89 -21.04 -1.73 -22.17
CA SER A 89 -21.82 -0.68 -22.82
C SER A 89 -21.05 0.63 -22.93
N ARG A 90 -20.18 0.91 -21.97
CA ARG A 90 -19.44 2.17 -22.00
C ARG A 90 -18.23 2.14 -22.92
N ASP A 91 -17.97 1.03 -23.61
CA ASP A 91 -16.90 0.93 -24.59
C ASP A 91 -17.13 -0.26 -25.51
N PRO A 92 -18.12 -0.20 -26.40
CA PRO A 92 -18.47 -1.36 -27.23
C PRO A 92 -17.72 -1.37 -28.56
N ASP A 93 -17.88 -2.48 -29.27
CA ASP A 93 -17.35 -2.67 -30.62
C ASP A 93 -15.84 -2.39 -30.66
N ARG A 94 -15.10 -3.21 -29.91
CA ARG A 94 -13.66 -3.07 -29.81
C ARG A 94 -12.98 -4.37 -30.20
N ALA A 95 -11.76 -4.26 -30.73
CA ALA A 95 -11.01 -5.45 -31.10
C ALA A 95 -10.60 -6.22 -29.85
N PRO A 96 -10.73 -7.55 -29.86
CA PRO A 96 -10.42 -8.33 -28.66
C PRO A 96 -8.97 -8.23 -28.22
N GLU A 97 -8.04 -7.89 -29.11
CA GLU A 97 -6.63 -7.78 -28.73
C GLU A 97 -6.26 -6.39 -28.21
N ARG A 98 -7.22 -5.47 -28.16
CA ARG A 98 -6.95 -4.12 -27.67
C ARG A 98 -7.20 -4.04 -26.16
N TYR A 99 -6.91 -2.87 -25.58
CA TYR A 99 -7.02 -2.65 -24.16
C TYR A 99 -8.11 -1.64 -23.84
N THR A 100 -8.76 -1.82 -22.70
CA THR A 100 -9.81 -0.92 -22.25
C THR A 100 -9.64 -0.61 -20.76
N SER A 101 -10.30 0.45 -20.33
CA SER A 101 -10.39 0.77 -18.91
C SER A 101 -11.80 1.23 -18.55
N ARG A 102 -12.81 0.77 -19.31
CA ARG A 102 -14.16 1.29 -19.18
C ARG A 102 -15.21 0.18 -19.05
N PHE A 103 -14.80 -1.06 -18.85
CA PHE A 103 -15.74 -2.14 -18.55
C PHE A 103 -16.13 -2.10 -17.08
N TYR A 104 -17.26 -2.73 -16.77
CA TYR A 104 -17.67 -2.87 -15.38
C TYR A 104 -18.53 -4.11 -15.24
N LEU A 105 -18.68 -4.55 -13.98
CA LEU A 105 -19.36 -5.80 -13.68
C LEU A 105 -20.81 -5.55 -13.28
N LYS A 106 -21.65 -6.57 -13.51
CA LYS A 106 -23.06 -6.46 -13.22
C LYS A 106 -23.39 -6.66 -11.75
N PHE A 107 -22.59 -7.45 -11.03
CA PHE A 107 -22.79 -7.59 -9.60
C PHE A 107 -21.90 -6.58 -8.86
N LYS A 108 -22.01 -6.55 -7.53
CA LYS A 108 -21.38 -5.49 -6.76
C LYS A 108 -20.55 -5.96 -5.57
N HIS A 109 -20.47 -7.26 -5.29
CA HIS A 109 -19.64 -7.75 -4.20
C HIS A 109 -18.24 -8.05 -4.73
N LEU A 110 -17.23 -7.39 -4.14
CA LEU A 110 -15.87 -7.47 -4.66
C LEU A 110 -15.31 -8.88 -4.56
N GLU A 111 -15.52 -9.56 -3.43
CA GLU A 111 -14.89 -10.86 -3.23
C GLU A 111 -15.37 -11.89 -4.24
N ARG A 112 -16.57 -11.71 -4.78
CA ARG A 112 -17.03 -12.58 -5.86
C ARG A 112 -16.18 -12.41 -7.11
N ALA A 113 -15.85 -11.16 -7.45
CA ALA A 113 -14.97 -10.92 -8.59
C ALA A 113 -13.57 -11.45 -8.31
N PHE A 114 -13.13 -11.36 -7.06
CA PHE A 114 -11.83 -11.92 -6.70
C PHE A 114 -11.81 -13.43 -6.90
N ASP A 115 -12.92 -14.11 -6.58
CA ASP A 115 -12.97 -15.56 -6.72
C ASP A 115 -12.99 -15.99 -8.18
N MET A 116 -13.75 -15.26 -9.02
CA MET A 116 -13.81 -15.61 -10.44
C MET A 116 -12.44 -15.48 -11.09
N LEU A 117 -11.66 -14.48 -10.68
CA LEU A 117 -10.30 -14.35 -11.18
C LEU A 117 -9.43 -15.50 -10.70
N SER A 118 -9.68 -15.98 -9.47
CA SER A 118 -8.89 -17.07 -8.91
C SER A 118 -9.18 -18.38 -9.65
N GLU A 119 -10.43 -18.59 -10.08
CA GLU A 119 -10.75 -19.82 -10.81
C GLU A 119 -9.95 -19.91 -12.10
N CYS A 120 -9.86 -18.81 -12.84
CA CYS A 120 -9.21 -18.80 -14.15
C CYS A 120 -7.70 -18.78 -14.07
N GLY A 121 -7.13 -18.76 -12.86
CA GLY A 121 -5.69 -18.83 -12.70
C GLY A 121 -4.98 -17.51 -12.40
N PHE A 122 -5.71 -16.46 -12.08
CA PHE A 122 -5.10 -15.18 -11.73
C PHE A 122 -4.79 -15.14 -10.23
N HIS A 123 -3.73 -14.40 -9.89
CA HIS A 123 -3.33 -14.16 -8.51
C HIS A 123 -3.24 -12.66 -8.27
N MET A 124 -3.67 -12.23 -7.08
CA MET A 124 -3.59 -10.82 -6.70
C MET A 124 -2.15 -10.50 -6.31
N VAL A 125 -1.56 -9.51 -6.96
CA VAL A 125 -0.16 -9.16 -6.70
C VAL A 125 0.00 -7.81 -6.03
N ALA A 126 -0.99 -6.92 -6.10
CA ALA A 126 -0.86 -5.59 -5.51
C ALA A 126 -2.23 -4.94 -5.40
N CYS A 127 -2.32 -3.94 -4.54
CA CYS A 127 -3.50 -3.11 -4.42
C CYS A 127 -3.08 -1.75 -3.87
N ASN A 128 -3.84 -0.72 -4.24
CA ASN A 128 -3.55 0.63 -3.76
C ASN A 128 -4.83 1.45 -3.77
N SER A 129 -4.80 2.55 -3.03
CA SER A 129 -5.93 3.46 -2.94
C SER A 129 -5.41 4.89 -3.13
N SER A 130 -5.99 5.60 -4.08
CA SER A 130 -5.61 6.96 -4.40
C SER A 130 -6.76 7.91 -4.14
N VAL A 131 -6.42 9.15 -3.78
CA VAL A 131 -7.40 10.20 -3.60
C VAL A 131 -7.07 11.32 -4.59
N THR A 132 -8.11 11.96 -5.12
CA THR A 132 -7.93 13.02 -6.10
C THR A 132 -9.04 14.04 -5.92
N ALA A 133 -8.72 15.30 -6.21
CA ALA A 133 -9.64 16.41 -6.04
C ALA A 133 -9.79 17.18 -7.34
N SER A 134 -10.84 17.99 -7.40
CA SER A 134 -11.12 18.82 -8.57
C SER A 134 -11.98 19.99 -8.11
N PHE A 135 -11.71 21.17 -8.68
CA PHE A 135 -12.48 22.36 -8.32
C PHE A 135 -13.92 22.23 -8.81
N ILE A 136 -14.85 22.68 -7.98
CA ILE A 136 -16.27 22.64 -8.30
C ILE A 136 -16.55 23.59 -9.46
N ASN A 137 -16.45 24.90 -9.19
CA ASN A 137 -16.70 25.91 -10.19
C ASN A 137 -15.37 26.45 -10.71
N GLN A 138 -15.46 27.40 -11.65
CA GLN A 138 -14.27 28.00 -12.22
C GLN A 138 -13.72 29.14 -11.37
N TYR A 139 -14.57 29.79 -10.58
CA TYR A 139 -14.16 30.93 -9.77
C TYR A 139 -14.31 30.61 -8.28
N THR A 140 -13.83 29.45 -7.85
CA THR A 140 -13.88 29.08 -6.44
C THR A 140 -12.78 28.08 -6.15
N ASP A 141 -12.37 28.03 -4.88
CA ASP A 141 -11.37 27.09 -4.42
C ASP A 141 -11.98 25.84 -3.79
N ASP A 142 -13.29 25.81 -3.60
CA ASP A 142 -13.94 24.63 -3.05
C ASP A 142 -13.75 23.44 -4.00
N LYS A 143 -13.60 22.27 -3.41
CA LYS A 143 -13.24 21.06 -4.16
C LYS A 143 -14.16 19.91 -3.78
N ILE A 144 -14.21 18.92 -4.66
CA ILE A 144 -14.86 17.64 -4.41
C ILE A 144 -13.80 16.56 -4.45
N TRP A 145 -13.86 15.66 -3.47
CA TRP A 145 -12.86 14.61 -3.31
C TRP A 145 -13.47 13.26 -3.63
N SER A 146 -12.78 12.49 -4.47
CA SER A 146 -13.19 11.13 -4.81
C SER A 146 -12.04 10.18 -4.49
N SER A 147 -12.39 9.00 -3.97
CA SER A 147 -11.41 7.97 -3.67
C SER A 147 -11.52 6.83 -4.69
N TYR A 148 -10.39 6.16 -4.93
CA TYR A 148 -10.34 5.05 -5.87
C TYR A 148 -9.43 3.96 -5.32
N THR A 149 -9.96 2.74 -5.25
CA THR A 149 -9.22 1.58 -4.78
C THR A 149 -9.21 0.54 -5.88
N GLU A 150 -8.03 0.00 -6.17
CA GLU A 150 -7.87 -0.99 -7.23
C GLU A 150 -7.09 -2.19 -6.73
N TYR A 151 -7.34 -3.34 -7.36
CA TYR A 151 -6.66 -4.59 -7.03
C TYR A 151 -6.11 -5.18 -8.32
N VAL A 152 -4.80 -5.44 -8.35
CA VAL A 152 -4.11 -5.89 -9.55
C VAL A 152 -3.97 -7.40 -9.53
N PHE A 153 -4.39 -8.05 -10.61
CA PHE A 153 -4.28 -9.49 -10.78
C PHE A 153 -3.39 -9.81 -11.98
N TYR A 154 -2.83 -11.02 -11.96
CA TYR A 154 -1.90 -11.46 -13.00
C TYR A 154 -2.02 -12.96 -13.20
N ARG A 155 -1.91 -13.39 -14.45
CA ARG A 155 -1.89 -14.82 -14.80
C ARG A 155 -0.66 -15.12 -15.64
N GLU A 156 0.01 -16.21 -15.33
CA GLU A 156 1.22 -16.60 -16.04
C GLU A 156 0.88 -17.25 -17.37
N PRO A 157 1.86 -17.36 -18.28
CA PRO A 157 1.62 -18.08 -19.53
C PRO A 157 1.28 -19.54 -19.27
N SER A 158 0.50 -20.11 -20.19
CA SER A 158 0.03 -21.48 -20.04
C SER A 158 1.17 -22.48 -20.20
N ARG A 159 0.96 -23.67 -19.65
CA ARG A 159 1.93 -24.76 -19.76
C ARG A 159 1.77 -25.51 -21.07
N ASP B 37 25.77 -3.63 -20.57
CA ASP B 37 24.75 -4.58 -20.98
C ASP B 37 24.22 -5.37 -19.79
N ARG B 38 23.78 -4.65 -18.76
CA ARG B 38 23.22 -5.26 -17.56
C ARG B 38 21.76 -5.63 -17.79
N LYS B 39 21.39 -6.85 -17.38
CA LYS B 39 20.07 -7.40 -17.62
C LYS B 39 19.11 -7.20 -16.47
N TRP B 40 19.58 -7.30 -15.23
CA TRP B 40 18.72 -7.18 -14.05
C TRP B 40 18.61 -5.73 -13.61
N GLY B 41 17.56 -5.45 -12.84
CA GLY B 41 17.37 -4.13 -12.29
C GLY B 41 15.90 -3.84 -12.08
N PHE B 42 15.63 -2.65 -11.52
CA PHE B 42 14.29 -2.18 -11.24
C PHE B 42 13.79 -1.24 -12.31
N ILE B 43 12.49 -1.28 -12.55
CA ILE B 43 11.79 -0.33 -13.41
C ILE B 43 10.49 0.08 -12.74
N THR B 44 10.24 1.39 -12.69
CA THR B 44 9.01 1.94 -12.12
C THR B 44 8.19 2.62 -13.21
N VAL B 45 6.88 2.40 -13.18
CA VAL B 45 5.94 3.08 -14.06
C VAL B 45 4.88 3.74 -13.20
N GLY B 46 4.44 4.92 -13.60
CA GLY B 46 3.50 5.67 -12.79
C GLY B 46 2.69 6.66 -13.60
N TYR B 47 1.78 7.33 -12.92
CA TYR B 47 0.94 8.33 -13.55
C TYR B 47 0.41 9.29 -12.50
N ARG B 48 0.10 10.51 -12.92
CA ARG B 48 -0.47 11.52 -12.04
C ARG B 48 -1.97 11.62 -12.27
N GLY B 49 -2.71 11.83 -11.18
CA GLY B 49 -4.15 12.01 -11.27
C GLY B 49 -4.54 13.46 -11.48
N SER B 50 -5.85 13.67 -11.54
CA SER B 50 -6.44 15.01 -11.72
C SER B 50 -5.89 15.71 -12.97
N ASP B 60 -19.06 7.71 -18.79
CA ASP B 60 -17.72 8.25 -18.67
C ASP B 60 -17.51 8.93 -17.32
N ALA B 61 -16.36 9.60 -17.18
CA ALA B 61 -15.99 10.39 -16.00
C ALA B 61 -15.74 9.55 -14.76
N LYS B 62 -16.54 8.50 -14.55
CA LYS B 62 -16.40 7.67 -13.36
C LYS B 62 -15.22 6.70 -13.44
N PHE B 63 -14.55 6.62 -14.59
CA PHE B 63 -13.50 5.63 -14.79
C PHE B 63 -12.13 6.19 -14.39
N ARG B 64 -11.11 5.33 -14.47
CA ARG B 64 -9.75 5.76 -14.19
C ARG B 64 -9.23 6.63 -15.32
N ARG B 65 -8.49 7.67 -14.96
CA ARG B 65 -7.99 8.66 -15.92
C ARG B 65 -6.46 8.68 -15.84
N VAL B 66 -5.81 8.12 -16.86
CA VAL B 66 -4.35 8.13 -16.95
C VAL B 66 -3.95 9.10 -18.06
N PRO B 67 -3.45 10.30 -17.72
CA PRO B 67 -3.07 11.26 -18.76
C PRO B 67 -1.74 10.91 -19.42
N ARG B 68 -0.83 10.31 -18.66
CA ARG B 68 0.48 9.98 -19.19
C ARG B 68 1.14 8.95 -18.27
N ILE B 69 1.80 7.96 -18.87
CA ILE B 69 2.49 6.91 -18.13
C ILE B 69 3.98 7.25 -18.10
N LEU B 70 4.50 7.53 -16.90
CA LEU B 70 5.91 7.86 -16.71
C LEU B 70 6.72 6.60 -16.46
N VAL B 71 7.99 6.64 -16.84
CA VAL B 71 8.90 5.50 -16.71
C VAL B 71 10.19 5.98 -16.06
N CYS B 72 10.67 5.22 -15.06
CA CYS B 72 11.89 5.54 -14.33
C CYS B 72 12.76 4.30 -14.19
N GLY B 73 14.07 4.50 -14.20
CA GLY B 73 15.03 3.43 -14.04
C GLY B 73 16.21 3.61 -14.96
N ARG B 74 17.02 2.56 -15.07
CA ARG B 74 18.16 2.59 -15.98
C ARG B 74 17.68 2.64 -17.43
N ILE B 75 18.32 3.50 -18.21
CA ILE B 75 17.83 3.78 -19.57
C ILE B 75 17.92 2.54 -20.44
N SER B 76 19.01 1.78 -20.35
CA SER B 76 19.14 0.58 -21.17
C SER B 76 18.04 -0.43 -20.85
N LEU B 77 17.65 -0.53 -19.58
CA LEU B 77 16.54 -1.42 -19.23
C LEU B 77 15.23 -0.93 -19.83
N ALA B 78 14.98 0.38 -19.76
CA ALA B 78 13.73 0.92 -20.29
C ALA B 78 13.66 0.74 -21.81
N LYS B 79 14.78 0.92 -22.51
CA LYS B 79 14.77 0.77 -23.96
C LYS B 79 14.48 -0.67 -24.38
N GLU B 80 15.05 -1.64 -23.65
CA GLU B 80 14.84 -3.04 -24.00
C GLU B 80 13.37 -3.44 -23.86
N VAL B 81 12.66 -2.84 -22.91
CA VAL B 81 11.29 -3.27 -22.62
C VAL B 81 10.30 -2.60 -23.57
N PHE B 82 10.42 -1.27 -23.75
CA PHE B 82 9.39 -0.51 -24.44
C PHE B 82 9.78 -0.09 -25.86
N GLY B 83 11.07 -0.02 -26.17
CA GLY B 83 11.47 0.19 -27.56
C GLY B 83 11.01 1.52 -28.12
N GLU B 84 10.35 1.48 -29.28
CA GLU B 84 9.93 2.72 -29.93
C GLU B 84 8.75 3.37 -29.23
N THR B 85 8.05 2.65 -28.36
CA THR B 85 6.93 3.26 -27.64
C THR B 85 7.38 4.18 -26.52
N LEU B 86 8.69 4.36 -26.36
CA LEU B 86 9.27 5.16 -25.29
C LEU B 86 9.60 6.55 -25.82
N ASN B 87 9.11 7.57 -25.14
CA ASN B 87 9.36 8.97 -25.52
C ASN B 87 10.46 9.52 -24.62
N GLU B 88 11.61 9.84 -25.21
CA GLU B 88 12.76 10.34 -24.47
C GLU B 88 12.98 11.84 -24.65
N SER B 89 11.99 12.55 -25.20
CA SER B 89 12.22 13.95 -25.57
C SER B 89 12.52 14.83 -24.37
N ARG B 90 11.91 14.56 -23.21
CA ARG B 90 12.13 15.38 -22.03
C ARG B 90 13.44 15.05 -21.32
N ASP B 91 14.22 14.10 -21.84
CA ASP B 91 15.55 13.81 -21.31
C ASP B 91 16.38 13.17 -22.42
N PRO B 92 16.68 13.90 -23.49
CA PRO B 92 17.29 13.28 -24.67
C PRO B 92 18.80 13.17 -24.55
N ASP B 93 19.37 12.30 -25.40
CA ASP B 93 20.81 12.15 -25.55
C ASP B 93 21.46 11.81 -24.21
N ARG B 94 21.05 10.67 -23.65
CA ARG B 94 21.58 10.18 -22.40
C ARG B 94 22.31 8.86 -22.62
N ALA B 95 23.35 8.64 -21.83
CA ALA B 95 24.09 7.39 -21.91
C ALA B 95 23.19 6.24 -21.46
N PRO B 96 23.25 5.09 -22.14
CA PRO B 96 22.32 3.99 -21.80
C PRO B 96 22.50 3.44 -20.39
N GLU B 97 23.68 3.55 -19.81
CA GLU B 97 23.93 3.02 -18.48
C GLU B 97 23.57 3.99 -17.36
N ARG B 98 23.04 5.16 -17.70
CA ARG B 98 22.61 6.11 -16.68
C ARG B 98 21.15 5.87 -16.31
N TYR B 99 20.68 6.59 -15.30
CA TYR B 99 19.31 6.49 -14.82
C TYR B 99 18.54 7.76 -15.15
N THR B 100 17.22 7.60 -15.30
CA THR B 100 16.35 8.73 -15.59
C THR B 100 15.05 8.58 -14.82
N SER B 101 14.35 9.72 -14.66
CA SER B 101 13.01 9.75 -14.07
C SER B 101 12.06 10.57 -14.92
N ARG B 102 12.35 10.71 -16.23
CA ARG B 102 11.65 11.67 -17.07
C ARG B 102 11.20 11.09 -18.41
N PHE B 103 11.28 9.76 -18.58
CA PHE B 103 10.74 9.13 -19.76
C PHE B 103 9.23 8.94 -19.63
N TYR B 104 8.57 8.73 -20.76
CA TYR B 104 7.14 8.40 -20.74
C TYR B 104 6.80 7.64 -22.01
N LEU B 105 5.62 7.02 -21.99
CA LEU B 105 5.20 6.12 -23.05
C LEU B 105 4.27 6.81 -24.03
N LYS B 106 4.18 6.22 -25.23
CA LYS B 106 3.36 6.75 -26.30
C LYS B 106 1.97 6.11 -26.36
N PHE B 107 1.54 5.43 -25.31
CA PHE B 107 0.17 4.96 -25.18
C PHE B 107 -0.28 5.22 -23.74
N LYS B 108 -1.58 5.01 -23.49
CA LYS B 108 -2.19 5.47 -22.25
C LYS B 108 -2.64 4.35 -21.32
N HIS B 109 -2.83 3.12 -21.81
CA HIS B 109 -3.38 2.06 -20.97
C HIS B 109 -2.28 1.42 -20.13
N LEU B 110 -2.48 1.38 -18.82
CA LEU B 110 -1.46 0.89 -17.91
C LEU B 110 -1.22 -0.60 -18.07
N GLU B 111 -2.29 -1.37 -18.25
CA GLU B 111 -2.14 -2.83 -18.29
C GLU B 111 -1.31 -3.28 -19.49
N ARG B 112 -1.30 -2.50 -20.57
CA ARG B 112 -0.42 -2.82 -21.69
C ARG B 112 1.04 -2.67 -21.31
N ALA B 113 1.37 -1.63 -20.54
CA ALA B 113 2.73 -1.48 -20.04
C ALA B 113 3.08 -2.62 -19.09
N PHE B 114 2.14 -3.02 -18.24
CA PHE B 114 2.38 -4.16 -17.35
C PHE B 114 2.69 -5.42 -18.15
N ASP B 115 1.91 -5.64 -19.22
CA ASP B 115 2.12 -6.84 -20.03
C ASP B 115 3.50 -6.82 -20.70
N MET B 116 3.90 -5.67 -21.25
CA MET B 116 5.20 -5.60 -21.92
C MET B 116 6.35 -5.88 -20.94
N LEU B 117 6.24 -5.35 -19.72
CA LEU B 117 7.24 -5.68 -18.70
C LEU B 117 7.23 -7.16 -18.38
N SER B 118 6.03 -7.78 -18.39
CA SER B 118 5.94 -9.20 -18.07
C SER B 118 6.56 -10.05 -19.18
N GLU B 119 6.43 -9.61 -20.43
CA GLU B 119 7.02 -10.35 -21.55
C GLU B 119 8.53 -10.39 -21.48
N CYS B 120 9.17 -9.45 -20.77
CA CYS B 120 10.63 -9.38 -20.72
C CYS B 120 11.20 -9.95 -19.42
N GLY B 121 10.37 -10.51 -18.55
CA GLY B 121 10.86 -11.14 -17.33
C GLY B 121 10.72 -10.33 -16.06
N PHE B 122 10.05 -9.19 -16.10
CA PHE B 122 9.88 -8.36 -14.92
C PHE B 122 8.64 -8.79 -14.14
N HIS B 123 8.71 -8.65 -12.81
CA HIS B 123 7.60 -8.95 -11.92
C HIS B 123 7.27 -7.71 -11.09
N MET B 124 5.98 -7.47 -10.87
CA MET B 124 5.56 -6.38 -10.00
C MET B 124 5.78 -6.79 -8.55
N VAL B 125 6.59 -6.02 -7.83
CA VAL B 125 6.95 -6.36 -6.46
C VAL B 125 6.33 -5.43 -5.43
N ALA B 126 5.92 -4.22 -5.82
CA ALA B 126 5.33 -3.28 -4.88
C ALA B 126 4.68 -2.15 -5.65
N CYS B 127 3.80 -1.41 -4.95
CA CYS B 127 3.18 -0.23 -5.53
C CYS B 127 2.68 0.64 -4.39
N ASN B 128 2.50 1.92 -4.69
CA ASN B 128 2.03 2.87 -3.69
C ASN B 128 1.49 4.11 -4.38
N SER B 129 0.74 4.89 -3.63
CA SER B 129 0.16 6.14 -4.11
C SER B 129 0.43 7.23 -3.08
N SER B 130 0.81 8.41 -3.57
CA SER B 130 1.15 9.54 -2.72
C SER B 130 0.34 10.76 -3.16
N VAL B 131 0.29 11.75 -2.28
CA VAL B 131 -0.42 13.00 -2.54
C VAL B 131 0.52 14.16 -2.23
N THR B 132 0.44 15.22 -3.03
CA THR B 132 1.27 16.40 -2.87
C THR B 132 0.41 17.65 -2.95
N ALA B 133 0.72 18.63 -2.10
CA ALA B 133 -0.03 19.88 -2.04
C ALA B 133 0.94 21.04 -2.12
N SER B 134 0.75 21.91 -3.11
CA SER B 134 1.53 23.12 -3.28
C SER B 134 0.61 24.33 -3.26
N PHE B 135 1.08 25.43 -2.67
CA PHE B 135 0.27 26.63 -2.59
C PHE B 135 -0.01 27.19 -3.98
N ILE B 136 -1.17 27.83 -4.13
CA ILE B 136 -1.57 28.35 -5.44
C ILE B 136 -0.71 29.54 -5.83
N ASN B 137 -0.60 30.53 -4.94
CA ASN B 137 0.27 31.68 -5.17
C ASN B 137 1.00 32.02 -3.88
N GLN B 138 1.73 33.12 -3.91
CA GLN B 138 2.65 33.46 -2.82
C GLN B 138 1.92 33.91 -1.56
N TYR B 139 0.76 34.55 -1.71
CA TYR B 139 0.07 35.16 -0.58
C TYR B 139 -1.31 34.53 -0.36
N THR B 140 -1.37 33.21 -0.36
CA THR B 140 -2.64 32.53 -0.12
C THR B 140 -2.37 31.20 0.57
N ASP B 141 -3.42 30.66 1.21
CA ASP B 141 -3.39 29.33 1.78
C ASP B 141 -4.01 28.28 0.87
N ASP B 142 -4.75 28.70 -0.15
CA ASP B 142 -5.32 27.76 -1.11
C ASP B 142 -4.21 26.96 -1.79
N LYS B 143 -4.48 25.67 -2.02
CA LYS B 143 -3.48 24.77 -2.57
C LYS B 143 -4.03 24.03 -3.78
N ILE B 144 -3.11 23.44 -4.54
CA ILE B 144 -3.43 22.51 -5.62
C ILE B 144 -2.94 21.13 -5.19
N TRP B 145 -3.84 20.15 -5.20
CA TRP B 145 -3.50 18.80 -4.80
C TRP B 145 -3.32 17.91 -6.02
N SER B 146 -2.28 17.06 -5.97
CA SER B 146 -2.00 16.11 -7.04
C SER B 146 -1.59 14.79 -6.42
N SER B 147 -2.01 13.69 -7.06
CA SER B 147 -1.67 12.36 -6.62
C SER B 147 -0.71 11.69 -7.60
N TYR B 148 0.10 10.76 -7.08
CA TYR B 148 1.08 10.05 -7.88
C TYR B 148 1.04 8.57 -7.48
N THR B 149 0.71 7.71 -8.46
CA THR B 149 0.62 6.27 -8.24
C THR B 149 1.69 5.58 -9.06
N GLU B 150 2.55 4.80 -8.41
CA GLU B 150 3.64 4.12 -9.08
C GLU B 150 3.61 2.63 -8.79
N TYR B 151 4.11 1.84 -9.75
CA TYR B 151 4.18 0.39 -9.65
C TYR B 151 5.63 -0.04 -9.90
N VAL B 152 6.17 -0.82 -8.97
CA VAL B 152 7.59 -1.18 -8.99
C VAL B 152 7.75 -2.57 -9.58
N PHE B 153 8.63 -2.68 -10.58
CA PHE B 153 8.93 -3.95 -11.24
C PHE B 153 10.39 -4.29 -11.05
N TYR B 154 10.69 -5.60 -11.07
CA TYR B 154 12.05 -6.08 -10.90
C TYR B 154 12.29 -7.30 -11.78
N ARG B 155 13.52 -7.41 -12.30
CA ARG B 155 13.95 -8.58 -13.06
C ARG B 155 15.25 -9.10 -12.48
N GLU B 156 15.31 -10.40 -12.22
CA GLU B 156 16.48 -11.00 -11.60
C GLU B 156 17.56 -11.30 -12.64
N PRO B 157 18.81 -11.46 -12.21
CA PRO B 157 19.89 -11.73 -13.16
C PRO B 157 19.65 -12.98 -13.98
N SER B 158 20.22 -12.97 -15.19
CA SER B 158 20.01 -14.05 -16.15
C SER B 158 20.77 -15.30 -15.75
N ARG B 159 20.41 -16.41 -16.38
CA ARG B 159 21.06 -17.69 -16.12
C ARG B 159 22.23 -17.91 -17.09
N ARG C 38 25.70 -7.86 11.96
CA ARG C 38 25.83 -9.10 11.22
C ARG C 38 25.61 -8.86 9.72
N LYS C 39 25.30 -9.93 9.00
CA LYS C 39 25.09 -9.85 7.55
C LYS C 39 23.64 -9.63 7.18
N TRP C 40 22.70 -10.12 7.98
CA TRP C 40 21.28 -9.99 7.68
C TRP C 40 20.73 -8.70 8.28
N GLY C 41 19.50 -8.36 7.87
CA GLY C 41 18.85 -7.19 8.43
C GLY C 41 17.99 -6.41 7.46
N PHE C 42 17.37 -5.34 7.95
CA PHE C 42 16.50 -4.48 7.16
C PHE C 42 17.21 -3.18 6.82
N ILE C 43 16.86 -2.63 5.66
CA ILE C 43 17.29 -1.30 5.25
C ILE C 43 16.09 -0.60 4.61
N THR C 44 15.88 0.66 4.98
CA THR C 44 14.79 1.47 4.46
C THR C 44 15.34 2.68 3.74
N VAL C 45 14.88 2.90 2.50
CA VAL C 45 15.19 4.10 1.73
C VAL C 45 13.91 4.87 1.46
N GLY C 46 13.98 6.19 1.50
CA GLY C 46 12.79 6.98 1.27
C GLY C 46 13.14 8.41 0.89
N TYR C 47 12.08 9.21 0.73
CA TYR C 47 12.25 10.61 0.37
C TYR C 47 11.00 11.39 0.76
N ARG C 48 11.16 12.70 0.94
CA ARG C 48 10.06 13.59 1.23
C ARG C 48 9.61 14.28 -0.06
N GLY C 49 8.31 14.28 -0.31
CA GLY C 49 7.77 14.87 -1.53
C GLY C 49 6.80 16.01 -1.26
N ASP C 60 8.76 19.42 -17.33
CA ASP C 60 9.72 19.50 -16.23
C ASP C 60 9.00 19.60 -14.88
N ALA C 61 7.68 19.35 -14.90
CA ALA C 61 6.89 19.38 -13.67
C ALA C 61 5.91 18.22 -13.55
N LYS C 62 5.69 17.43 -14.60
CA LYS C 62 4.81 16.28 -14.53
C LYS C 62 5.41 15.13 -13.74
N PHE C 63 6.73 15.04 -13.69
CA PHE C 63 7.43 13.86 -13.16
C PHE C 63 7.48 13.91 -11.63
N ARG C 64 8.17 12.96 -11.02
CA ARG C 64 8.30 12.90 -9.58
C ARG C 64 9.56 13.66 -9.14
N ARG C 65 9.43 14.39 -8.04
CA ARG C 65 10.52 15.21 -7.50
C ARG C 65 11.10 14.49 -6.28
N VAL C 66 12.29 13.95 -6.44
CA VAL C 66 13.01 13.32 -5.32
C VAL C 66 14.17 14.23 -4.93
N PRO C 67 14.02 15.01 -3.85
CA PRO C 67 15.10 15.94 -3.48
C PRO C 67 16.29 15.24 -2.84
N ARG C 68 16.06 14.19 -2.06
CA ARG C 68 17.14 13.53 -1.33
C ARG C 68 16.68 12.14 -0.92
N ILE C 69 17.57 11.16 -1.05
CA ILE C 69 17.28 9.78 -0.70
C ILE C 69 17.79 9.52 0.70
N LEU C 70 16.89 9.22 1.62
CA LEU C 70 17.24 8.94 3.01
C LEU C 70 17.45 7.45 3.22
N VAL C 71 18.34 7.12 4.15
CA VAL C 71 18.70 5.73 4.44
C VAL C 71 18.56 5.51 5.94
N CYS C 72 17.87 4.42 6.32
CA CYS C 72 17.63 4.07 7.72
C CYS C 72 17.94 2.61 7.95
N GLY C 73 18.56 2.32 9.08
CA GLY C 73 18.86 0.95 9.46
C GLY C 73 20.14 0.88 10.27
N ARG C 74 20.61 -0.34 10.48
CA ARG C 74 21.87 -0.55 11.17
C ARG C 74 23.01 0.05 10.37
N ILE C 75 23.89 0.79 11.05
CA ILE C 75 24.92 1.57 10.37
C ILE C 75 25.86 0.67 9.57
N SER C 76 26.23 -0.48 10.14
CA SER C 76 27.17 -1.37 9.47
C SER C 76 26.59 -1.91 8.17
N LEU C 77 25.28 -2.15 8.12
CA LEU C 77 24.66 -2.64 6.89
C LEU C 77 24.62 -1.56 5.82
N ALA C 78 24.29 -0.33 6.21
CA ALA C 78 24.19 0.74 5.24
C ALA C 78 25.53 1.04 4.59
N LYS C 79 26.62 0.99 5.37
CA LYS C 79 27.94 1.27 4.83
C LYS C 79 28.38 0.17 3.87
N GLU C 80 28.05 -1.08 4.18
CA GLU C 80 28.42 -2.18 3.31
C GLU C 80 27.68 -2.10 1.98
N VAL C 81 26.43 -1.62 1.99
CA VAL C 81 25.65 -1.58 0.77
C VAL C 81 26.04 -0.38 -0.10
N PHE C 82 26.21 0.79 0.51
CA PHE C 82 26.36 2.03 -0.26
C PHE C 82 27.77 2.58 -0.28
N GLY C 83 28.58 2.32 0.75
CA GLY C 83 29.98 2.70 0.70
C GLY C 83 30.19 4.20 0.63
N GLU C 84 30.98 4.64 -0.36
CA GLU C 84 31.33 6.05 -0.49
C GLU C 84 30.12 6.92 -0.82
N THR C 85 29.09 6.35 -1.45
CA THR C 85 27.90 7.13 -1.78
C THR C 85 27.09 7.50 -0.55
N LEU C 86 27.50 7.09 0.64
CA LEU C 86 26.73 7.30 1.86
C LEU C 86 27.23 8.56 2.56
N ASN C 87 26.33 9.51 2.80
CA ASN C 87 26.64 10.74 3.53
C ASN C 87 26.21 10.56 4.97
N GLU C 88 27.17 10.64 5.89
CA GLU C 88 26.94 10.43 7.31
C GLU C 88 27.12 11.71 8.13
N SER C 89 27.02 12.88 7.48
CA SER C 89 27.38 14.12 8.14
C SER C 89 26.41 14.50 9.25
N ARG C 90 25.13 14.20 9.08
CA ARG C 90 24.13 14.59 10.08
C ARG C 90 24.08 13.64 11.27
N ASP C 91 24.82 12.54 11.25
CA ASP C 91 24.90 11.63 12.39
C ASP C 91 26.26 10.95 12.40
N PRO C 92 27.36 11.70 12.56
CA PRO C 92 28.68 11.10 12.41
C PRO C 92 29.18 10.50 13.73
N ASP C 93 30.22 9.68 13.59
CA ASP C 93 30.94 9.10 14.73
C ASP C 93 29.98 8.31 15.64
N ARG C 94 29.39 7.27 15.08
CA ARG C 94 28.51 6.38 15.79
C ARG C 94 29.02 4.96 15.68
N ALA C 95 28.68 4.14 16.65
CA ALA C 95 29.12 2.75 16.65
C ALA C 95 28.52 2.02 15.45
N PRO C 96 29.31 1.18 14.76
CA PRO C 96 28.77 0.51 13.56
C PRO C 96 27.60 -0.41 13.85
N GLU C 97 27.48 -0.93 15.07
CA GLU C 97 26.38 -1.83 15.42
C GLU C 97 25.16 -1.08 15.93
N ARG C 98 25.17 0.25 15.92
CA ARG C 98 24.00 1.02 16.31
C ARG C 98 23.12 1.30 15.07
N TYR C 99 21.98 1.94 15.30
CA TYR C 99 21.01 2.21 14.26
C TYR C 99 20.89 3.71 14.04
N THR C 100 20.66 4.09 12.79
CA THR C 100 20.53 5.50 12.41
C THR C 100 19.27 5.69 11.60
N SER C 101 18.77 6.93 11.61
CA SER C 101 17.64 7.35 10.80
C SER C 101 17.97 8.58 9.96
N ARG C 102 19.25 9.00 9.92
CA ARG C 102 19.61 10.30 9.39
C ARG C 102 20.75 10.24 8.36
N PHE C 103 20.96 9.07 7.74
CA PHE C 103 21.89 9.00 6.61
C PHE C 103 21.17 9.37 5.32
N TYR C 104 21.95 9.77 4.32
CA TYR C 104 21.37 10.02 3.00
C TYR C 104 22.45 9.83 1.94
N LEU C 105 22.00 9.69 0.70
CA LEU C 105 22.87 9.29 -0.40
C LEU C 105 23.35 10.52 -1.18
N LYS C 106 24.44 10.31 -1.91
CA LYS C 106 25.06 11.37 -2.70
C LYS C 106 24.55 11.42 -4.13
N PHE C 107 23.60 10.57 -4.51
CA PHE C 107 22.90 10.65 -5.78
C PHE C 107 21.41 10.73 -5.53
N LYS C 108 20.65 11.01 -6.59
CA LYS C 108 19.24 11.37 -6.44
C LYS C 108 18.27 10.44 -7.16
N HIS C 109 18.74 9.45 -7.92
CA HIS C 109 17.84 8.54 -8.62
C HIS C 109 17.55 7.31 -7.76
N LEU C 110 16.26 7.05 -7.54
CA LEU C 110 15.85 6.00 -6.61
C LEU C 110 16.24 4.61 -7.11
N GLU C 111 15.95 4.31 -8.38
CA GLU C 111 16.17 2.96 -8.91
C GLU C 111 17.64 2.58 -8.87
N ARG C 112 18.56 3.55 -8.88
CA ARG C 112 19.96 3.22 -8.71
C ARG C 112 20.24 2.72 -7.29
N ALA C 113 19.62 3.34 -6.29
CA ALA C 113 19.71 2.84 -4.92
C ALA C 113 19.07 1.46 -4.80
N PHE C 114 17.93 1.25 -5.49
CA PHE C 114 17.31 -0.07 -5.49
C PHE C 114 18.26 -1.11 -6.09
N ASP C 115 18.93 -0.76 -7.19
CA ASP C 115 19.84 -1.70 -7.84
C ASP C 115 21.03 -2.03 -6.95
N MET C 116 21.58 -1.03 -6.25
CA MET C 116 22.69 -1.29 -5.34
C MET C 116 22.28 -2.25 -4.23
N LEU C 117 21.07 -2.09 -3.69
CA LEU C 117 20.59 -3.02 -2.67
C LEU C 117 20.42 -4.43 -3.24
N SER C 118 19.97 -4.52 -4.50
CA SER C 118 19.79 -5.82 -5.12
C SER C 118 21.12 -6.51 -5.39
N GLU C 119 22.19 -5.73 -5.62
CA GLU C 119 23.51 -6.32 -5.83
C GLU C 119 24.00 -7.07 -4.60
N CYS C 120 23.62 -6.59 -3.40
CA CYS C 120 24.12 -7.14 -2.15
C CYS C 120 23.22 -8.22 -1.55
N GLY C 121 22.15 -8.62 -2.24
CA GLY C 121 21.29 -9.67 -1.77
C GLY C 121 20.01 -9.24 -1.10
N PHE C 122 19.68 -7.95 -1.13
CA PHE C 122 18.45 -7.45 -0.54
C PHE C 122 17.30 -7.53 -1.54
N HIS C 123 16.11 -7.78 -1.01
CA HIS C 123 14.87 -7.74 -1.79
C HIS C 123 13.92 -6.71 -1.20
N MET C 124 13.15 -6.06 -2.06
CA MET C 124 12.12 -5.12 -1.60
C MET C 124 10.92 -5.91 -1.12
N VAL C 125 10.56 -5.74 0.16
CA VAL C 125 9.47 -6.50 0.75
C VAL C 125 8.22 -5.66 1.02
N ALA C 126 8.33 -4.33 0.99
CA ALA C 126 7.18 -3.48 1.26
C ALA C 126 7.52 -2.06 0.83
N CYS C 127 6.46 -1.26 0.66
CA CYS C 127 6.60 0.16 0.39
C CYS C 127 5.30 0.85 0.78
N ASN C 128 5.40 2.06 1.30
N ASN C 128 5.41 2.08 1.26
CA ASN C 128 4.24 2.80 1.73
CA ASN C 128 4.23 2.79 1.75
C ASN C 128 4.50 4.30 1.61
C ASN C 128 4.50 4.29 1.73
N SER C 129 3.42 5.06 1.63
CA SER C 129 3.48 6.52 1.60
C SER C 129 2.53 7.09 2.63
N SER C 130 2.99 8.08 3.38
CA SER C 130 2.21 8.71 4.44
C SER C 130 2.21 10.22 4.24
N VAL C 131 1.31 10.90 4.95
CA VAL C 131 1.19 12.35 4.89
C VAL C 131 1.02 12.88 6.32
N THR C 132 1.60 14.06 6.57
CA THR C 132 1.53 14.70 7.87
C THR C 132 1.28 16.18 7.69
N ALA C 133 0.64 16.78 8.69
CA ALA C 133 0.30 18.20 8.68
C ALA C 133 0.68 18.84 10.00
N SER C 134 1.26 20.04 9.92
CA SER C 134 1.69 20.79 11.09
C SER C 134 1.26 22.24 10.94
N PHE C 135 0.73 22.81 12.01
CA PHE C 135 0.17 24.16 11.95
C PHE C 135 1.24 25.18 11.58
N ILE C 136 0.82 26.20 10.84
CA ILE C 136 1.75 27.25 10.41
C ILE C 136 2.32 27.98 11.62
N ASN C 137 1.46 28.41 12.54
CA ASN C 137 1.90 29.15 13.71
C ASN C 137 0.94 28.87 14.87
N GLN C 138 1.03 29.71 15.90
CA GLN C 138 0.39 29.41 17.18
C GLN C 138 -1.12 29.66 17.12
N TYR C 139 -1.55 30.70 16.40
CA TYR C 139 -2.93 31.16 16.45
C TYR C 139 -3.62 31.06 15.09
N THR C 140 -3.29 30.04 14.31
CA THR C 140 -3.92 29.83 13.01
C THR C 140 -4.30 28.38 12.85
N ASP C 141 -5.23 28.13 11.92
CA ASP C 141 -5.60 26.79 11.53
C ASP C 141 -4.92 26.33 10.25
N ASP C 142 -4.22 27.23 9.56
CA ASP C 142 -3.49 26.88 8.36
C ASP C 142 -2.35 25.92 8.70
N LYS C 143 -1.93 25.13 7.72
CA LYS C 143 -0.90 24.13 7.94
C LYS C 143 -0.29 23.71 6.62
N ILE C 144 0.96 23.28 6.68
CA ILE C 144 1.68 22.77 5.52
C ILE C 144 1.66 21.26 5.56
N TRP C 145 1.39 20.63 4.42
CA TRP C 145 1.34 19.18 4.30
C TRP C 145 2.62 18.67 3.68
N SER C 146 3.11 17.53 4.19
CA SER C 146 4.30 16.89 3.68
C SER C 146 4.07 15.40 3.59
N SER C 147 4.52 14.79 2.49
CA SER C 147 4.41 13.36 2.27
C SER C 147 5.79 12.71 2.39
N TYR C 148 5.78 11.42 2.71
CA TYR C 148 7.00 10.63 2.90
C TYR C 148 6.76 9.24 2.31
N THR C 149 7.47 8.92 1.23
CA THR C 149 7.38 7.61 0.59
C THR C 149 8.53 6.73 1.05
N GLU C 150 8.21 5.47 1.35
CA GLU C 150 9.15 4.54 1.96
C GLU C 150 9.27 3.26 1.12
N TYR C 151 10.47 2.68 1.11
CA TYR C 151 10.72 1.39 0.46
C TYR C 151 11.54 0.54 1.41
N VAL C 152 11.03 -0.64 1.75
CA VAL C 152 11.63 -1.50 2.77
C VAL C 152 12.34 -2.65 2.09
N PHE C 153 13.60 -2.88 2.48
CA PHE C 153 14.43 -3.95 1.94
C PHE C 153 14.90 -4.87 3.06
N TYR C 154 15.17 -6.12 2.71
CA TYR C 154 15.58 -7.12 3.68
C TYR C 154 16.50 -8.15 3.01
N ARG C 155 17.54 -8.55 3.74
CA ARG C 155 18.45 -9.61 3.32
C ARG C 155 18.48 -10.69 4.40
N GLU C 156 18.27 -11.94 4.00
CA GLU C 156 18.24 -13.05 4.92
C GLU C 156 19.66 -13.48 5.30
N PRO C 157 19.82 -14.22 6.41
CA PRO C 157 21.15 -14.62 6.84
C PRO C 157 21.90 -15.42 5.79
N SER C 158 23.22 -15.33 5.83
CA SER C 158 24.09 -15.97 4.85
C SER C 158 24.13 -17.48 5.07
N ARG C 159 24.69 -18.19 4.09
CA ARG C 159 24.83 -19.63 4.15
C ARG C 159 26.19 -20.03 4.75
N ARG D 38 0.15 -21.08 20.10
CA ARG D 38 1.42 -21.78 20.20
C ARG D 38 2.59 -20.83 19.92
N LYS D 39 3.38 -21.15 18.90
CA LYS D 39 4.51 -20.33 18.52
C LYS D 39 4.27 -19.51 17.26
N TRP D 40 3.24 -19.83 16.47
CA TRP D 40 2.93 -19.05 15.28
C TRP D 40 2.05 -17.85 15.63
N GLY D 41 1.84 -16.97 14.64
CA GLY D 41 0.96 -15.85 14.84
C GLY D 41 1.35 -14.56 14.15
N PHE D 42 0.47 -13.55 14.24
CA PHE D 42 0.73 -12.23 13.67
C PHE D 42 1.18 -11.26 14.76
N ILE D 43 2.06 -10.35 14.37
CA ILE D 43 2.50 -9.25 15.22
C ILE D 43 2.59 -7.99 14.36
N THR D 44 2.02 -6.90 14.85
CA THR D 44 2.02 -5.62 14.15
C THR D 44 2.80 -4.58 14.95
N VAL D 45 3.64 -3.81 14.26
CA VAL D 45 4.35 -2.68 14.84
C VAL D 45 3.98 -1.43 14.06
N GLY D 46 3.90 -0.30 14.76
CA GLY D 46 3.50 0.94 14.11
C GLY D 46 3.89 2.15 14.95
N TYR D 47 3.54 3.32 14.43
CA TYR D 47 3.82 4.58 15.11
C TYR D 47 2.87 5.66 14.61
N ARG D 48 2.70 6.68 15.43
CA ARG D 48 1.88 7.83 15.08
C ARG D 48 2.70 8.88 14.35
N GLY D 49 2.10 9.46 13.31
CA GLY D 49 2.79 10.42 12.48
C GLY D 49 3.14 11.72 13.20
N SER D 50 4.43 12.07 13.18
CA SER D 50 4.93 13.30 13.77
C SER D 50 4.55 13.44 15.24
N ALA D 61 13.69 17.54 11.75
CA ALA D 61 14.30 18.13 10.55
C ALA D 61 13.57 17.65 9.30
N LYS D 62 14.34 17.10 8.36
CA LYS D 62 13.81 16.57 7.11
C LYS D 62 13.90 15.04 7.07
N PHE D 63 13.83 14.39 8.22
CA PHE D 63 13.98 12.95 8.33
C PHE D 63 12.67 12.32 8.81
N ARG D 64 12.75 11.06 9.22
CA ARG D 64 11.60 10.33 9.74
C ARG D 64 11.55 10.46 11.25
N ARG D 65 10.41 10.94 11.77
CA ARG D 65 10.24 11.19 13.19
C ARG D 65 9.27 10.16 13.75
N VAL D 66 9.79 9.23 14.55
CA VAL D 66 9.00 8.20 15.21
C VAL D 66 8.95 8.53 16.71
N PRO D 67 7.82 8.99 17.24
CA PRO D 67 7.76 9.27 18.68
C PRO D 67 7.76 8.02 19.53
N ARG D 68 7.05 6.97 19.10
CA ARG D 68 6.96 5.75 19.88
C ARG D 68 6.52 4.61 18.97
N ILE D 69 7.09 3.43 19.19
CA ILE D 69 6.78 2.25 18.40
C ILE D 69 5.77 1.40 19.17
N LEU D 70 4.60 1.20 18.56
CA LEU D 70 3.53 0.40 19.17
C LEU D 70 3.64 -1.05 18.74
N VAL D 71 3.19 -1.95 19.62
CA VAL D 71 3.26 -3.39 19.39
C VAL D 71 1.90 -3.99 19.67
N CYS D 72 1.36 -4.74 18.70
CA CYS D 72 0.07 -5.39 18.84
C CYS D 72 0.19 -6.86 18.49
N GLY D 73 -0.61 -7.68 19.14
CA GLY D 73 -0.62 -9.11 18.91
C GLY D 73 -0.81 -9.87 20.20
N ARG D 74 -0.62 -11.19 20.12
CA ARG D 74 -0.72 -12.04 21.30
C ARG D 74 0.42 -11.71 22.26
N ILE D 75 0.10 -11.59 23.55
CA ILE D 75 1.06 -11.06 24.51
C ILE D 75 2.25 -11.99 24.68
N SER D 76 2.00 -13.31 24.68
CA SER D 76 3.11 -14.26 24.79
C SER D 76 4.07 -14.16 23.60
N LEU D 77 3.55 -13.85 22.40
CA LEU D 77 4.42 -13.68 21.25
C LEU D 77 5.27 -12.42 21.38
N ALA D 78 4.64 -11.31 21.80
CA ALA D 78 5.38 -10.06 21.94
C ALA D 78 6.48 -10.17 22.98
N LYS D 79 6.23 -10.90 24.06
CA LYS D 79 7.25 -11.09 25.10
C LYS D 79 8.45 -11.86 24.57
N GLU D 80 8.19 -12.95 23.83
CA GLU D 80 9.27 -13.74 23.28
C GLU D 80 10.12 -12.93 22.31
N VAL D 81 9.49 -12.06 21.50
CA VAL D 81 10.25 -11.34 20.49
C VAL D 81 11.06 -10.21 21.12
N PHE D 82 10.42 -9.37 21.93
CA PHE D 82 11.05 -8.14 22.36
C PHE D 82 11.58 -8.17 23.78
N GLY D 83 11.08 -9.07 24.62
CA GLY D 83 11.60 -9.27 25.97
C GLY D 83 11.77 -8.02 26.81
N GLU D 84 13.00 -7.74 27.23
CA GLU D 84 13.26 -6.63 28.13
C GLU D 84 13.04 -5.28 27.46
N THR D 85 12.99 -5.22 26.13
CA THR D 85 12.75 -3.97 25.42
C THR D 85 11.27 -3.58 25.39
N LEU D 86 10.40 -4.41 25.93
CA LEU D 86 8.95 -4.22 25.84
C LEU D 86 8.43 -3.50 27.06
N ASN D 87 7.64 -2.45 26.84
CA ASN D 87 6.99 -1.70 27.90
C ASN D 87 5.53 -2.09 27.95
N GLU D 88 5.08 -2.57 29.11
CA GLU D 88 3.73 -3.08 29.29
C GLU D 88 2.91 -2.26 30.28
N SER D 89 3.36 -1.04 30.59
CA SER D 89 2.74 -0.28 31.68
C SER D 89 1.32 0.15 31.34
N ARG D 90 1.00 0.33 30.06
CA ARG D 90 -0.32 0.78 29.65
C ARG D 90 -1.32 -0.36 29.49
N ASP D 91 -0.90 -1.61 29.67
CA ASP D 91 -1.82 -2.74 29.65
C ASP D 91 -1.37 -3.80 30.66
N PRO D 92 -1.35 -3.50 31.95
CA PRO D 92 -0.81 -4.46 32.92
C PRO D 92 -1.82 -5.53 33.29
N ASP D 93 -1.28 -6.60 33.90
CA ASP D 93 -2.08 -7.66 34.51
C ASP D 93 -2.95 -8.38 33.48
N ARG D 94 -2.36 -8.67 32.33
CA ARG D 94 -3.06 -9.41 31.29
C ARG D 94 -2.58 -10.86 31.26
N ALA D 95 -3.43 -11.72 30.73
CA ALA D 95 -3.06 -13.12 30.59
C ALA D 95 -2.17 -13.29 29.35
N PRO D 96 -1.16 -14.16 29.41
CA PRO D 96 -0.24 -14.30 28.27
C PRO D 96 -0.90 -14.78 27.00
N GLU D 97 -2.01 -15.52 27.10
CA GLU D 97 -2.68 -16.02 25.91
C GLU D 97 -3.69 -15.03 25.33
N ARG D 98 -3.79 -13.84 25.91
CA ARG D 98 -4.69 -12.80 25.43
C ARG D 98 -3.97 -11.89 24.44
N TYR D 99 -4.71 -10.93 23.89
CA TYR D 99 -4.21 -10.03 22.86
C TYR D 99 -4.21 -8.59 23.39
N THR D 100 -3.21 -7.82 22.97
CA THR D 100 -3.10 -6.42 23.35
C THR D 100 -2.86 -5.56 22.11
N SER D 101 -3.21 -4.28 22.24
CA SER D 101 -2.84 -3.28 21.25
C SER D 101 -2.24 -2.05 21.92
N ARG D 102 -1.67 -2.22 23.11
CA ARG D 102 -1.25 -1.10 23.94
C ARG D 102 0.16 -1.25 24.48
N PHE D 103 0.92 -2.24 24.02
CA PHE D 103 2.33 -2.34 24.33
C PHE D 103 3.12 -1.36 23.46
N TYR D 104 4.35 -1.06 23.87
CA TYR D 104 5.25 -0.25 23.08
C TYR D 104 6.68 -0.54 23.49
N LEU D 105 7.63 -0.11 22.65
CA LEU D 105 9.03 -0.44 22.81
C LEU D 105 9.79 0.70 23.48
N LYS D 106 10.94 0.36 24.05
CA LYS D 106 11.75 1.33 24.76
C LYS D 106 12.76 2.04 23.86
N PHE D 107 12.93 1.61 22.62
CA PHE D 107 13.75 2.32 21.64
C PHE D 107 12.86 2.87 20.53
N LYS D 108 13.46 3.70 19.67
CA LYS D 108 12.71 4.45 18.69
C LYS D 108 13.06 4.16 17.23
N HIS D 109 14.10 3.36 16.96
CA HIS D 109 14.49 3.06 15.59
C HIS D 109 13.75 1.82 15.09
N LEU D 110 12.97 2.00 14.02
CA LEU D 110 12.08 0.93 13.55
C LEU D 110 12.86 -0.30 13.09
N GLU D 111 13.98 -0.10 12.41
CA GLU D 111 14.68 -1.23 11.81
C GLU D 111 15.20 -2.21 12.86
N ARG D 112 15.51 -1.70 14.06
CA ARG D 112 15.90 -2.60 15.14
C ARG D 112 14.75 -3.52 15.54
N ALA D 113 13.53 -2.99 15.58
CA ALA D 113 12.37 -3.84 15.82
C ALA D 113 12.16 -4.80 14.66
N PHE D 114 12.42 -4.35 13.43
CA PHE D 114 12.34 -5.24 12.28
C PHE D 114 13.34 -6.38 12.40
N ASP D 115 14.57 -6.06 12.82
CA ASP D 115 15.60 -7.10 12.90
C ASP D 115 15.31 -8.09 14.02
N MET D 116 14.78 -7.62 15.16
CA MET D 116 14.46 -8.53 16.26
C MET D 116 13.35 -9.50 15.85
N LEU D 117 12.36 -9.02 15.10
CA LEU D 117 11.29 -9.90 14.64
C LEU D 117 11.81 -10.97 13.69
N SER D 118 12.64 -10.58 12.72
CA SER D 118 13.13 -11.57 11.76
C SER D 118 14.10 -12.54 12.41
N GLU D 119 14.82 -12.09 13.45
CA GLU D 119 15.68 -13.00 14.21
C GLU D 119 14.88 -14.10 14.91
N CYS D 120 13.60 -13.89 15.17
CA CYS D 120 12.76 -14.91 15.79
C CYS D 120 11.90 -15.65 14.78
N GLY D 121 12.19 -15.51 13.48
CA GLY D 121 11.46 -16.24 12.47
C GLY D 121 10.24 -15.55 11.89
N PHE D 122 10.06 -14.27 12.17
CA PHE D 122 8.94 -13.52 11.61
C PHE D 122 9.31 -12.87 10.30
N HIS D 123 8.33 -12.79 9.40
CA HIS D 123 8.49 -12.15 8.09
C HIS D 123 7.47 -11.02 7.95
N MET D 124 7.91 -9.91 7.35
CA MET D 124 7.00 -8.82 7.04
C MET D 124 6.15 -9.21 5.84
N VAL D 125 4.83 -9.12 6.00
CA VAL D 125 3.90 -9.57 4.97
C VAL D 125 3.07 -8.44 4.37
N ALA D 126 2.95 -7.31 5.05
CA ALA D 126 2.16 -6.18 4.53
C ALA D 126 2.49 -4.95 5.37
N CYS D 127 2.03 -3.80 4.89
CA CYS D 127 2.15 -2.54 5.62
C CYS D 127 1.19 -1.54 4.99
N ASN D 128 0.80 -0.54 5.78
CA ASN D 128 -0.13 0.47 5.29
C ASN D 128 -0.02 1.71 6.16
N SER D 129 -0.57 2.80 5.65
CA SER D 129 -0.68 4.06 6.38
C SER D 129 -2.10 4.58 6.25
N SER D 130 -2.56 5.26 7.30
CA SER D 130 -3.91 5.78 7.35
C SER D 130 -3.87 7.19 7.91
N VAL D 131 -4.90 7.96 7.58
CA VAL D 131 -5.07 9.31 8.10
C VAL D 131 -6.45 9.40 8.74
N THR D 132 -6.52 10.10 9.87
CA THR D 132 -7.76 10.28 10.61
C THR D 132 -7.88 11.72 11.06
N ALA D 133 -9.09 12.26 10.97
CA ALA D 133 -9.37 13.64 11.34
C ALA D 133 -10.49 13.69 12.36
N SER D 134 -10.39 14.66 13.27
CA SER D 134 -11.41 14.90 14.29
C SER D 134 -11.56 16.39 14.49
N PHE D 135 -12.78 16.82 14.81
CA PHE D 135 -13.05 18.23 15.02
C PHE D 135 -12.33 18.72 16.28
N ILE D 136 -11.84 19.96 16.22
CA ILE D 136 -11.11 20.52 17.35
C ILE D 136 -12.03 20.73 18.54
N ASN D 137 -13.21 21.30 18.31
CA ASN D 137 -14.19 21.50 19.36
C ASN D 137 -15.59 21.24 18.78
N GLN D 138 -16.61 21.54 19.58
CA GLN D 138 -17.98 21.18 19.24
C GLN D 138 -18.58 22.11 18.20
N TYR D 139 -18.18 23.37 18.17
CA TYR D 139 -18.79 24.38 17.30
C TYR D 139 -17.80 24.90 16.27
N THR D 140 -17.00 24.02 15.68
CA THR D 140 -16.05 24.42 14.65
C THR D 140 -15.91 23.30 13.63
N ASP D 141 -15.51 23.68 12.41
CA ASP D 141 -15.14 22.73 11.38
C ASP D 141 -13.64 22.51 11.31
N ASP D 142 -12.85 23.27 12.06
CA ASP D 142 -11.42 23.03 12.15
C ASP D 142 -11.15 21.64 12.68
N LYS D 143 -10.12 20.99 12.14
CA LYS D 143 -9.83 19.59 12.43
C LYS D 143 -8.35 19.40 12.71
N ILE D 144 -8.04 18.38 13.50
CA ILE D 144 -6.67 17.94 13.76
C ILE D 144 -6.46 16.62 13.03
N TRP D 145 -5.35 16.53 12.30
CA TRP D 145 -5.05 15.35 11.49
C TRP D 145 -3.90 14.57 12.14
N SER D 146 -4.02 13.23 12.09
CA SER D 146 -2.97 12.34 12.57
C SER D 146 -2.85 11.17 11.61
N SER D 147 -1.62 10.73 11.39
CA SER D 147 -1.32 9.60 10.52
C SER D 147 -0.80 8.42 11.34
N TYR D 148 -1.07 7.22 10.84
CA TYR D 148 -0.68 5.99 11.52
C TYR D 148 -0.16 4.99 10.49
N THR D 149 1.11 4.60 10.63
CA THR D 149 1.76 3.66 9.73
C THR D 149 2.07 2.39 10.52
N GLU D 150 1.69 1.24 9.95
CA GLU D 150 1.91 -0.05 10.61
C GLU D 150 2.53 -1.05 9.65
N TYR D 151 3.26 -2.01 10.22
CA TYR D 151 3.93 -3.07 9.48
C TYR D 151 3.51 -4.41 10.07
N VAL D 152 2.99 -5.30 9.23
CA VAL D 152 2.44 -6.57 9.68
C VAL D 152 3.49 -7.66 9.51
N PHE D 153 3.73 -8.41 10.60
CA PHE D 153 4.67 -9.52 10.60
C PHE D 153 3.92 -10.83 10.91
N TYR D 154 4.50 -11.93 10.47
CA TYR D 154 3.88 -13.25 10.64
C TYR D 154 4.96 -14.32 10.76
N ARG D 155 4.65 -15.34 11.56
CA ARG D 155 5.51 -16.52 11.71
C ARG D 155 4.66 -17.77 11.60
N GLU D 156 5.10 -18.73 10.81
CA GLU D 156 4.35 -19.96 10.57
C GLU D 156 4.62 -20.97 11.68
N PRO D 157 3.78 -21.99 11.80
CA PRO D 157 3.96 -22.99 12.88
C PRO D 157 5.32 -23.66 12.83
N SER D 158 5.74 -24.16 13.99
CA SER D 158 7.03 -24.79 14.15
C SER D 158 7.07 -26.16 13.47
N ARG D 159 8.28 -26.66 13.27
CA ARG D 159 8.49 -27.97 12.65
C ARG D 159 8.68 -29.05 13.70
N ARG E 38 -17.16 -25.78 -1.75
CA ARG E 38 -16.02 -24.93 -2.04
C ARG E 38 -15.29 -24.54 -0.76
N LYS E 39 -13.96 -24.70 -0.77
CA LYS E 39 -13.14 -24.39 0.39
C LYS E 39 -12.18 -23.24 0.16
N TRP E 40 -11.93 -22.86 -1.09
CA TRP E 40 -11.04 -21.78 -1.44
C TRP E 40 -11.82 -20.49 -1.64
N GLY E 41 -11.10 -19.38 -1.58
CA GLY E 41 -11.70 -18.08 -1.82
C GLY E 41 -11.00 -17.00 -1.01
N PHE E 42 -11.54 -15.80 -1.15
CA PHE E 42 -11.02 -14.61 -0.50
C PHE E 42 -11.87 -14.23 0.70
N ILE E 43 -11.22 -13.71 1.73
CA ILE E 43 -11.88 -13.12 2.88
C ILE E 43 -11.22 -11.79 3.18
N THR E 44 -12.02 -10.74 3.37
CA THR E 44 -11.53 -9.41 3.69
C THR E 44 -12.02 -8.99 5.06
N VAL E 45 -11.11 -8.52 5.91
CA VAL E 45 -11.45 -7.95 7.21
C VAL E 45 -10.96 -6.50 7.24
N GLY E 46 -11.74 -5.63 7.88
CA GLY E 46 -11.36 -4.24 7.95
C GLY E 46 -12.05 -3.52 9.09
N TYR E 47 -11.73 -2.23 9.22
CA TYR E 47 -12.33 -1.42 10.26
C TYR E 47 -12.35 0.04 9.81
N ARG E 48 -13.20 0.82 10.48
CA ARG E 48 -13.38 2.22 10.17
C ARG E 48 -12.53 3.08 11.09
N GLY E 49 -11.90 4.10 10.51
CA GLY E 49 -11.05 4.97 11.30
C GLY E 49 -11.84 5.74 12.35
N SER E 50 -11.15 6.08 13.44
CA SER E 50 -11.74 6.77 14.58
C SER E 50 -12.91 6.00 15.15
N ASP E 60 -4.25 6.04 26.41
CA ASP E 60 -5.34 5.60 25.53
C ASP E 60 -5.72 6.70 24.55
N ALA E 61 -4.74 7.16 23.77
CA ALA E 61 -4.98 8.22 22.78
C ALA E 61 -4.11 8.03 21.56
N LYS E 62 -2.87 7.57 21.76
CA LYS E 62 -1.94 7.33 20.67
C LYS E 62 -2.12 5.97 20.00
N PHE E 63 -2.64 4.98 20.73
CA PHE E 63 -2.74 3.62 20.24
C PHE E 63 -3.73 3.53 19.08
N ARG E 64 -3.83 2.34 18.49
CA ARG E 64 -4.73 2.09 17.37
C ARG E 64 -6.13 1.85 17.90
N ARG E 65 -7.10 2.61 17.40
CA ARG E 65 -8.49 2.54 17.85
C ARG E 65 -9.31 1.80 16.81
N VAL E 66 -9.79 0.62 17.18
CA VAL E 66 -10.63 -0.20 16.31
C VAL E 66 -12.00 -0.37 16.96
N PRO E 67 -13.04 0.23 16.40
CA PRO E 67 -14.37 0.10 17.01
C PRO E 67 -15.08 -1.20 16.65
N ARG E 68 -14.82 -1.72 15.45
CA ARG E 68 -15.54 -2.88 14.96
C ARG E 68 -14.77 -3.49 13.78
N ILE E 69 -14.69 -4.81 13.76
CA ILE E 69 -13.99 -5.55 12.70
C ILE E 69 -15.04 -6.11 11.75
N LEU E 70 -15.07 -5.59 10.52
CA LEU E 70 -15.98 -6.03 9.48
C LEU E 70 -15.40 -7.21 8.72
N VAL E 71 -16.29 -8.08 8.22
CA VAL E 71 -15.92 -9.30 7.51
C VAL E 71 -16.68 -9.34 6.19
N CYS E 72 -15.95 -9.61 5.09
CA CYS E 72 -16.52 -9.66 3.76
C CYS E 72 -16.02 -10.88 3.01
N GLY E 73 -16.91 -11.52 2.25
CA GLY E 73 -16.54 -12.67 1.46
C GLY E 73 -17.72 -13.63 1.36
N ARG E 74 -17.42 -14.84 0.88
CA ARG E 74 -18.43 -15.89 0.81
C ARG E 74 -18.83 -16.32 2.22
N ILE E 75 -20.14 -16.46 2.44
CA ILE E 75 -20.64 -16.63 3.80
C ILE E 75 -20.19 -17.96 4.40
N SER E 76 -20.17 -19.02 3.59
CA SER E 76 -19.73 -20.31 4.10
C SER E 76 -18.27 -20.26 4.56
N LEU E 77 -17.45 -19.48 3.88
CA LEU E 77 -16.05 -19.31 4.29
C LEU E 77 -15.97 -18.54 5.61
N ALA E 78 -16.74 -17.45 5.71
CA ALA E 78 -16.72 -16.64 6.93
C ALA E 78 -17.24 -17.43 8.14
N LYS E 79 -18.27 -18.25 7.92
CA LYS E 79 -18.81 -19.05 9.02
C LYS E 79 -17.81 -20.08 9.49
N GLU E 80 -17.14 -20.75 8.55
CA GLU E 80 -16.17 -21.78 8.91
C GLU E 80 -15.01 -21.20 9.71
N VAL E 81 -14.56 -19.99 9.36
CA VAL E 81 -13.37 -19.44 10.00
C VAL E 81 -13.68 -18.95 11.41
N PHE E 82 -14.71 -18.12 11.55
CA PHE E 82 -14.94 -17.38 12.79
C PHE E 82 -15.99 -18.02 13.69
N GLY E 83 -16.84 -18.90 13.16
CA GLY E 83 -17.75 -19.64 14.00
C GLY E 83 -18.75 -18.75 14.71
N GLU E 84 -18.79 -18.88 16.03
CA GLU E 84 -19.76 -18.13 16.85
C GLU E 84 -19.25 -16.76 17.27
N THR E 85 -18.00 -16.42 16.96
CA THR E 85 -17.55 -15.03 17.13
C THR E 85 -18.12 -14.11 16.08
N LEU E 86 -18.85 -14.65 15.10
CA LEU E 86 -19.39 -13.88 13.99
C LEU E 86 -20.76 -13.34 14.34
N ASN E 87 -20.98 -12.06 14.07
CA ASN E 87 -22.26 -11.40 14.31
C ASN E 87 -22.92 -11.18 12.95
N GLU E 88 -24.06 -11.83 12.75
CA GLU E 88 -24.75 -11.81 11.46
C GLU E 88 -26.05 -11.01 11.51
N SER E 89 -26.21 -10.16 12.54
CA SER E 89 -27.49 -9.46 12.71
C SER E 89 -27.76 -8.46 11.60
N ARG E 90 -26.72 -7.83 11.05
CA ARG E 90 -26.90 -6.84 10.01
C ARG E 90 -27.11 -7.46 8.63
N ASP E 91 -27.02 -8.79 8.50
CA ASP E 91 -27.27 -9.45 7.23
C ASP E 91 -27.72 -10.89 7.51
N PRO E 92 -28.87 -11.09 8.16
CA PRO E 92 -29.23 -12.43 8.64
C PRO E 92 -29.98 -13.26 7.60
N ASP E 93 -29.99 -14.57 7.86
CA ASP E 93 -30.78 -15.53 7.08
C ASP E 93 -30.37 -15.54 5.61
N ARG E 94 -29.07 -15.45 5.36
CA ARG E 94 -28.53 -15.51 4.01
C ARG E 94 -28.05 -16.93 3.71
N ALA E 95 -28.02 -17.25 2.42
CA ALA E 95 -27.59 -18.56 1.95
C ALA E 95 -26.07 -18.72 2.08
N PRO E 96 -25.61 -19.93 2.38
CA PRO E 96 -24.16 -20.13 2.58
C PRO E 96 -23.32 -19.92 1.34
N GLU E 97 -23.88 -20.11 0.14
CA GLU E 97 -23.12 -19.94 -1.09
C GLU E 97 -23.12 -18.50 -1.59
N ARG E 98 -23.74 -17.58 -0.85
CA ARG E 98 -23.82 -16.19 -1.26
C ARG E 98 -22.74 -15.36 -0.58
N TYR E 99 -22.61 -14.11 -1.04
CA TYR E 99 -21.56 -13.21 -0.58
C TYR E 99 -22.15 -12.12 0.28
N THR E 100 -21.39 -11.67 1.27
CA THR E 100 -21.82 -10.61 2.17
C THR E 100 -20.70 -9.60 2.37
N SER E 101 -21.09 -8.40 2.78
CA SER E 101 -20.13 -7.39 3.21
C SER E 101 -20.61 -6.68 4.46
N ARG E 102 -21.48 -7.32 5.25
CA ARG E 102 -22.08 -6.68 6.42
C ARG E 102 -21.96 -7.51 7.69
N PHE E 103 -21.17 -8.58 7.68
CA PHE E 103 -20.86 -9.30 8.90
C PHE E 103 -19.84 -8.52 9.72
N TYR E 104 -19.78 -8.82 11.02
CA TYR E 104 -18.73 -8.28 11.86
C TYR E 104 -18.52 -9.20 13.04
N LEU E 105 -17.42 -8.97 13.76
CA LEU E 105 -16.98 -9.86 14.83
C LEU E 105 -17.34 -9.29 16.19
N LYS E 106 -17.33 -10.17 17.20
CA LYS E 106 -17.68 -9.80 18.56
C LYS E 106 -16.49 -9.32 19.39
N PHE E 107 -15.26 -9.44 18.88
CA PHE E 107 -14.08 -8.90 19.54
C PHE E 107 -13.47 -7.81 18.67
N LYS E 108 -12.46 -7.12 19.23
CA LYS E 108 -11.93 -5.92 18.61
C LYS E 108 -10.44 -5.99 18.25
N HIS E 109 -9.69 -6.95 18.78
CA HIS E 109 -8.27 -7.04 18.47
C HIS E 109 -8.07 -7.72 17.12
N LEU E 110 -7.48 -6.97 16.18
CA LEU E 110 -7.35 -7.46 14.80
C LEU E 110 -6.46 -8.69 14.71
N GLU E 111 -5.38 -8.73 15.49
CA GLU E 111 -4.43 -9.84 15.38
C GLU E 111 -5.07 -11.16 15.77
N ARG E 112 -6.07 -11.13 16.67
CA ARG E 112 -6.81 -12.34 16.97
C ARG E 112 -7.59 -12.83 15.75
N ALA E 113 -8.20 -11.90 15.01
CA ALA E 113 -8.86 -12.28 13.76
C ALA E 113 -7.85 -12.75 12.72
N PHE E 114 -6.66 -12.14 12.70
CA PHE E 114 -5.61 -12.60 11.78
C PHE E 114 -5.21 -14.04 12.12
N ASP E 115 -5.01 -14.33 13.41
CA ASP E 115 -4.58 -15.67 13.81
C ASP E 115 -5.64 -16.72 13.48
N MET E 116 -6.92 -16.41 13.71
CA MET E 116 -7.97 -17.36 13.38
C MET E 116 -7.99 -17.67 11.89
N LEU E 117 -7.81 -16.64 11.05
CA LEU E 117 -7.76 -16.87 9.61
C LEU E 117 -6.58 -17.76 9.25
N SER E 118 -5.46 -17.61 9.96
CA SER E 118 -4.26 -18.38 9.66
C SER E 118 -4.44 -19.85 10.03
N GLU E 119 -5.20 -20.13 11.10
CA GLU E 119 -5.44 -21.51 11.50
C GLU E 119 -6.14 -22.29 10.41
N CYS E 120 -7.11 -21.68 9.74
CA CYS E 120 -7.91 -22.34 8.72
C CYS E 120 -7.24 -22.33 7.35
N GLY E 121 -5.97 -21.95 7.27
CA GLY E 121 -5.23 -22.04 6.02
C GLY E 121 -5.26 -20.81 5.14
N PHE E 122 -5.57 -19.65 5.70
CA PHE E 122 -5.58 -18.40 4.94
C PHE E 122 -4.27 -17.65 5.13
N HIS E 123 -3.86 -16.94 4.08
CA HIS E 123 -2.67 -16.07 4.11
C HIS E 123 -3.08 -14.67 3.74
N MET E 124 -2.49 -13.68 4.41
CA MET E 124 -2.72 -12.29 4.07
C MET E 124 -1.93 -11.94 2.81
N VAL E 125 -2.63 -11.51 1.77
CA VAL E 125 -1.99 -11.25 0.48
C VAL E 125 -1.87 -9.77 0.17
N ALA E 126 -2.65 -8.90 0.81
CA ALA E 126 -2.61 -7.47 0.52
C ALA E 126 -3.35 -6.72 1.62
N CYS E 127 -3.15 -5.41 1.63
CA CYS E 127 -3.89 -4.52 2.53
C CYS E 127 -3.80 -3.10 1.98
N ASN E 128 -4.83 -2.31 2.27
CA ASN E 128 -4.87 -0.94 1.79
C ASN E 128 -5.74 -0.11 2.71
N SER E 129 -5.54 1.21 2.67
CA SER E 129 -6.31 2.14 3.47
C SER E 129 -6.79 3.27 2.57
N SER E 130 -8.08 3.58 2.65
CA SER E 130 -8.70 4.61 1.85
C SER E 130 -9.35 5.66 2.74
N VAL E 131 -9.65 6.81 2.15
CA VAL E 131 -10.33 7.89 2.87
C VAL E 131 -11.41 8.46 1.94
N THR E 132 -12.56 8.80 2.52
CA THR E 132 -13.67 9.34 1.76
C THR E 132 -14.26 10.54 2.52
N ALA E 133 -14.83 11.47 1.77
CA ALA E 133 -15.39 12.68 2.34
C ALA E 133 -16.76 12.96 1.74
N SER E 134 -17.72 13.31 2.60
CA SER E 134 -19.05 13.69 2.18
C SER E 134 -19.42 15.02 2.82
N PHE E 135 -20.27 15.78 2.12
CA PHE E 135 -20.69 17.09 2.62
C PHE E 135 -21.53 16.94 3.88
N ILE E 136 -21.38 17.89 4.80
CA ILE E 136 -22.11 17.84 6.06
C ILE E 136 -23.59 18.15 5.83
N ASN E 137 -23.89 19.12 4.96
CA ASN E 137 -25.27 19.40 4.59
C ASN E 137 -25.31 19.77 3.11
N GLN E 138 -26.48 20.23 2.66
CA GLN E 138 -26.74 20.41 1.24
C GLN E 138 -26.18 21.73 0.71
N TYR E 139 -26.12 22.77 1.53
CA TYR E 139 -25.73 24.10 1.09
C TYR E 139 -24.39 24.54 1.68
N THR E 140 -23.54 23.60 2.08
CA THR E 140 -22.24 23.92 2.65
C THR E 140 -21.16 23.13 1.93
N ASP E 141 -19.92 23.58 2.12
CA ASP E 141 -18.75 22.87 1.62
C ASP E 141 -18.01 22.13 2.73
N ASP E 142 -18.45 22.25 3.98
CA ASP E 142 -17.86 21.49 5.06
C ASP E 142 -18.10 20.00 4.86
N LYS E 143 -17.12 19.20 5.28
CA LYS E 143 -17.14 17.77 5.01
C LYS E 143 -16.72 17.00 6.25
N ILE E 144 -17.13 15.73 6.30
CA ILE E 144 -16.69 14.79 7.32
C ILE E 144 -15.81 13.74 6.66
N TRP E 145 -14.69 13.43 7.30
CA TRP E 145 -13.69 12.52 6.74
C TRP E 145 -13.70 11.21 7.52
N SER E 146 -13.86 10.11 6.81
CA SER E 146 -13.79 8.77 7.38
C SER E 146 -12.77 7.94 6.61
N SER E 147 -11.96 7.18 7.34
CA SER E 147 -10.96 6.32 6.76
C SER E 147 -11.35 4.86 6.94
N TYR E 148 -10.79 4.01 6.08
CA TYR E 148 -11.09 2.58 6.07
C TYR E 148 -9.83 1.80 5.75
N THR E 149 -9.49 0.84 6.60
CA THR E 149 -8.31 0.00 6.43
C THR E 149 -8.76 -1.46 6.34
N GLU E 150 -8.41 -2.13 5.25
CA GLU E 150 -8.81 -3.52 5.04
C GLU E 150 -7.58 -4.39 4.80
N TYR E 151 -7.75 -5.69 5.08
CA TYR E 151 -6.70 -6.68 4.92
C TYR E 151 -7.28 -7.87 4.16
N VAL E 152 -6.63 -8.24 3.06
CA VAL E 152 -7.13 -9.25 2.14
C VAL E 152 -6.48 -10.59 2.46
N PHE E 153 -7.30 -11.63 2.61
CA PHE E 153 -6.84 -12.98 2.86
C PHE E 153 -7.33 -13.91 1.77
N TYR E 154 -6.57 -15.00 1.54
CA TYR E 154 -6.92 -15.95 0.52
C TYR E 154 -6.52 -17.35 0.95
N ARG E 155 -7.33 -18.34 0.57
CA ARG E 155 -7.02 -19.75 0.77
C ARG E 155 -7.11 -20.47 -0.56
N GLU E 156 -6.10 -21.29 -0.87
CA GLU E 156 -6.05 -22.03 -2.13
C GLU E 156 -6.82 -23.33 -2.02
N PRO E 157 -7.19 -23.93 -3.16
CA PRO E 157 -8.01 -25.15 -3.13
C PRO E 157 -7.36 -26.27 -2.32
N SER E 158 -8.22 -27.14 -1.78
CA SER E 158 -7.77 -28.26 -0.97
C SER E 158 -6.96 -29.24 -1.81
N ARG E 159 -5.90 -29.78 -1.21
CA ARG E 159 -5.05 -30.76 -1.90
C ARG E 159 -5.66 -32.16 -1.80
#